data_6OG3
#
_entry.id   6OG3
#
loop_
_entity.id
_entity.type
_entity.pdbx_description
1 polymer 'Hyperactive disaggregase ClpB'
2 polymer 'Alpha S1-casein'
#
loop_
_entity_poly.entity_id
_entity_poly.type
_entity_poly.pdbx_seq_one_letter_code
_entity_poly.pdbx_strand_id
1 'polypeptide(L)'
;MRLDRLTNKFQLALADAQSLALGHDNQFIEPLHLMSALLNQEGGSVSPLLTSAGINAGQLRTDINQALNRLPQVEGTGGD
VQPSQDLVRVLNLCDNVAQKRGDNFISSELFVLAALESRGTVADILKAAGATTANITQAIEQMRGGESVNDQGAEDQRQA
LKKYTIDLTERAEQGKLDPVIGRDEEIRRTIQVLQRRTKNNPVLIGEPGVGKTAIVEGLAQRIINGEVPEGLKGRRVLAL
DMGALVAGAKYRGEFEERLKGVLNDLAKQEGNVILFIDELHTMVGAGKADGAMDAGNMLKPALARGELHCVGATTLDEYR
QYIEKDAALERRFQKVFVAEPSVEDTIAILRGLKERYELHHHVQITDPAIVAAATLSHRYIADRQLPDKAIDLIDEAASS
IRMQIDSKPEELDRLDRRIIQLKLEQQALMKESDEASKKRLDMLNEELSDKERQYSELEEEWKAEKASLSGTQTICAELE
QAKIAIEQARRVGDLARMSELQYGKIPELEKQLEAATQLEGKTMRLLRNKVTDAEIAEVLARWTGIPVSRMMESEREKLL
RMEQELHHRVIGQNEAVDAVSNAIRRSRAGLADPNRPIGSFLFLGPTGVGKTELCKALANFMFDSDEAMVRIDMSEFMEK
HSVSRLVGAPPGYVGYEEGGYLTEAVRRRPYSVILLDEVEKAHPDVFNILLQVLDDGRLTDGQGRTVDFRNTVVIMTSNL
GSDLIQERFGELDYAHMKELVLGVVSHNFRPEFINRIDEVVVFHPLGEQHIASIAQIQLKRLYKRLEERGYEIHISDEAL
KLLSENGYDPVYGARPLKRAIQQQIENPLAQQILSGELVPGKVIRLEVNEDRIVAVQRSRSHHHHHH
;
E,C,A
2 'polypeptide(L)' (UNK)(UNK)(UNK)(UNK)(UNK)(UNK)(UNK)(UNK)(UNK) P
#
# COMPACT_ATOMS: atom_id res chain seq x y z
N ASP A 4 -11.22 2.81 -5.61
CA ASP A 4 -12.44 3.04 -6.44
C ASP A 4 -12.81 4.51 -6.42
N ARG A 5 -14.12 4.74 -6.32
CA ARG A 5 -14.70 6.07 -6.26
C ARG A 5 -14.88 6.41 -4.79
N LEU A 6 -14.42 5.52 -3.92
CA LEU A 6 -14.53 5.70 -2.48
C LEU A 6 -13.45 6.65 -1.99
N THR A 7 -13.79 7.48 -1.00
CA THR A 7 -12.81 8.40 -0.43
C THR A 7 -11.77 7.53 0.27
N ASN A 8 -10.60 8.13 0.58
CA ASN A 8 -9.57 7.38 1.26
C ASN A 8 -10.04 6.95 2.65
N LYS A 9 -10.74 7.84 3.34
CA LYS A 9 -11.25 7.53 4.68
C LYS A 9 -12.20 6.34 4.64
N PHE A 10 -13.05 6.31 3.62
CA PHE A 10 -14.03 5.23 3.48
C PHE A 10 -13.28 3.92 3.19
N GLN A 11 -12.25 3.98 2.35
CA GLN A 11 -11.48 2.79 2.03
C GLN A 11 -10.79 2.26 3.28
N LEU A 12 -10.21 3.16 4.08
CA LEU A 12 -9.54 2.77 5.31
C LEU A 12 -10.50 2.14 6.31
N ALA A 13 -11.74 2.64 6.35
CA ALA A 13 -12.74 2.10 7.27
C ALA A 13 -13.11 0.68 6.81
N LEU A 14 -13.17 0.48 5.51
CA LEU A 14 -13.48 -0.83 4.95
C LEU A 14 -12.40 -1.83 5.37
N ALA A 15 -11.14 -1.41 5.30
CA ALA A 15 -10.04 -2.28 5.70
C ALA A 15 -10.20 -2.62 7.18
N ASP A 16 -10.57 -1.63 8.00
CA ASP A 16 -10.78 -1.86 9.42
C ASP A 16 -11.97 -2.79 9.66
N ALA A 17 -13.00 -2.68 8.82
CA ALA A 17 -14.19 -3.53 8.94
C ALA A 17 -13.77 -4.98 8.74
N GLN A 18 -12.86 -5.20 7.78
CA GLN A 18 -12.35 -6.54 7.53
C GLN A 18 -11.61 -7.08 8.75
N SER A 19 -10.80 -6.22 9.38
CA SER A 19 -10.05 -6.61 10.57
C SER A 19 -11.01 -6.93 11.71
N LEU A 20 -12.09 -6.15 11.82
CA LEU A 20 -13.07 -6.39 12.86
C LEU A 20 -13.72 -7.75 12.65
N ALA A 21 -14.13 -8.03 11.41
CA ALA A 21 -14.76 -9.32 11.14
C ALA A 21 -13.82 -10.47 11.53
N LEU A 22 -12.55 -10.33 11.15
CA LEU A 22 -11.56 -11.35 11.45
C LEU A 22 -11.39 -11.50 12.96
N GLY A 23 -11.20 -10.38 13.63
CA GLY A 23 -11.01 -10.39 15.07
C GLY A 23 -12.19 -10.96 15.84
N HIS A 24 -13.38 -10.90 15.25
CA HIS A 24 -14.58 -11.42 15.93
C HIS A 24 -14.95 -12.81 15.43
N ASP A 25 -14.10 -13.39 14.59
CA ASP A 25 -14.32 -14.73 14.03
C ASP A 25 -15.56 -14.83 13.15
N ASN A 26 -15.90 -13.76 12.45
CA ASN A 26 -17.05 -13.79 11.56
C ASN A 26 -16.56 -14.13 10.15
N GLN A 27 -17.35 -14.93 9.44
CA GLN A 27 -16.98 -15.37 8.11
C GLN A 27 -17.16 -14.28 7.04
N PHE A 28 -18.14 -13.41 7.25
CA PHE A 28 -18.42 -12.34 6.31
C PHE A 28 -18.34 -10.95 6.92
N ILE A 29 -17.89 -9.99 6.12
CA ILE A 29 -17.85 -8.61 6.56
C ILE A 29 -19.28 -8.15 6.27
N GLU A 30 -19.99 -7.68 7.29
CA GLU A 30 -21.37 -7.23 7.13
C GLU A 30 -21.46 -5.72 7.27
N PRO A 31 -22.57 -5.14 6.83
CA PRO A 31 -22.72 -3.69 6.96
C PRO A 31 -22.44 -3.29 8.42
N LEU A 32 -22.80 -4.16 9.36
CA LEU A 32 -22.56 -3.89 10.79
C LEU A 32 -21.09 -3.64 11.08
N HIS A 33 -20.22 -4.43 10.46
CA HIS A 33 -18.78 -4.29 10.65
C HIS A 33 -18.29 -2.94 10.11
N LEU A 34 -18.79 -2.57 8.93
CA LEU A 34 -18.41 -1.32 8.31
C LEU A 34 -18.86 -0.14 9.17
N MET A 35 -20.07 -0.25 9.73
CA MET A 35 -20.61 0.80 10.58
C MET A 35 -19.77 0.96 11.84
N SER A 36 -19.46 -0.16 12.49
CA SER A 36 -18.65 -0.13 13.70
C SER A 36 -17.32 0.57 13.43
N ALA A 37 -16.68 0.21 12.32
CA ALA A 37 -15.41 0.80 11.94
C ALA A 37 -15.57 2.31 11.77
N LEU A 38 -16.61 2.72 11.04
CA LEU A 38 -16.88 4.14 10.81
C LEU A 38 -17.14 4.90 12.10
N LEU A 39 -17.83 4.26 13.04
CA LEU A 39 -18.12 4.89 14.32
C LEU A 39 -16.85 5.05 15.14
N ASN A 40 -15.91 4.13 14.96
CA ASN A 40 -14.63 4.17 15.69
C ASN A 40 -13.51 4.91 14.96
N GLN A 41 -13.82 5.51 13.81
CA GLN A 41 -12.80 6.22 13.05
C GLN A 41 -12.54 7.64 13.54
N GLU A 42 -11.39 7.83 14.18
CA GLU A 42 -11.00 9.13 14.68
C GLU A 42 -10.97 10.09 13.50
N GLY A 43 -11.61 11.24 13.65
CA GLY A 43 -11.66 12.21 12.57
C GLY A 43 -12.62 11.79 11.48
N GLY A 44 -13.35 10.70 11.71
CA GLY A 44 -14.29 10.21 10.73
C GLY A 44 -15.51 11.11 10.65
N SER A 45 -16.23 11.02 9.54
CA SER A 45 -17.42 11.83 9.31
C SER A 45 -18.71 11.25 9.91
N VAL A 46 -18.77 9.93 10.04
CA VAL A 46 -19.98 9.29 10.55
C VAL A 46 -20.45 9.72 11.94
N SER A 47 -19.57 9.71 12.94
CA SER A 47 -19.98 10.10 14.28
C SER A 47 -20.55 11.51 14.34
N PRO A 48 -19.81 12.51 13.81
CA PRO A 48 -20.38 13.86 13.87
C PRO A 48 -21.66 13.98 13.04
N LEU A 49 -21.76 13.22 11.95
CA LEU A 49 -22.96 13.26 11.12
C LEU A 49 -24.17 12.85 11.97
N LEU A 50 -24.02 11.74 12.70
CA LEU A 50 -25.08 11.24 13.56
C LEU A 50 -25.45 12.23 14.65
N THR A 51 -24.43 12.77 15.31
CA THR A 51 -24.67 13.74 16.38
C THR A 51 -25.45 14.93 15.82
N SER A 52 -25.09 15.33 14.59
CA SER A 52 -25.76 16.45 13.94
C SER A 52 -27.20 16.10 13.57
N ALA A 53 -27.44 14.83 13.29
CA ALA A 53 -28.77 14.37 12.92
C ALA A 53 -29.62 14.12 14.16
N GLY A 54 -29.00 14.29 15.33
CA GLY A 54 -29.70 14.10 16.60
C GLY A 54 -29.73 12.66 17.06
N ILE A 55 -28.76 11.86 16.61
CA ILE A 55 -28.67 10.46 16.96
C ILE A 55 -27.47 10.22 17.88
N ASN A 56 -27.69 9.48 18.97
CA ASN A 56 -26.61 9.21 19.92
C ASN A 56 -25.60 8.19 19.38
N ALA A 57 -24.48 8.69 18.89
CA ALA A 57 -23.43 7.84 18.33
C ALA A 57 -22.87 6.86 19.36
N GLY A 58 -22.79 7.29 20.61
CA GLY A 58 -22.28 6.43 21.65
C GLY A 58 -23.11 5.17 21.82
N GLN A 59 -24.41 5.34 21.99
CA GLN A 59 -25.31 4.21 22.17
C GLN A 59 -25.43 3.39 20.90
N LEU A 60 -25.16 4.02 19.77
CA LEU A 60 -25.24 3.31 18.50
C LEU A 60 -24.15 2.24 18.43
N ARG A 61 -22.92 2.60 18.80
CA ARG A 61 -21.83 1.63 18.74
C ARG A 61 -22.07 0.47 19.70
N THR A 62 -22.81 0.72 20.77
CA THR A 62 -23.12 -0.31 21.74
C THR A 62 -24.11 -1.30 21.13
N ASP A 63 -25.16 -0.78 20.49
CA ASP A 63 -26.15 -1.63 19.85
C ASP A 63 -25.55 -2.37 18.67
N ILE A 64 -24.64 -1.72 17.96
CA ILE A 64 -24.00 -2.36 16.81
C ILE A 64 -23.08 -3.46 17.33
N ASN A 65 -22.38 -3.21 18.43
CA ASN A 65 -21.53 -4.25 18.99
C ASN A 65 -22.35 -5.44 19.47
N GLN A 66 -23.53 -5.15 20.01
CA GLN A 66 -24.43 -6.21 20.47
C GLN A 66 -24.84 -7.07 19.28
N ALA A 67 -25.16 -6.42 18.16
CA ALA A 67 -25.56 -7.15 16.95
C ALA A 67 -24.38 -7.96 16.39
N LEU A 68 -23.18 -7.40 16.45
CA LEU A 68 -22.00 -8.11 15.96
C LEU A 68 -21.79 -9.36 16.81
N ASN A 69 -22.04 -9.23 18.10
CA ASN A 69 -21.89 -10.34 19.04
C ASN A 69 -22.88 -11.47 18.77
N ARG A 70 -23.94 -11.20 17.99
CA ARG A 70 -24.95 -12.21 17.68
C ARG A 70 -24.68 -12.94 16.37
N LEU A 71 -23.74 -12.45 15.58
CA LEU A 71 -23.44 -13.08 14.30
C LEU A 71 -22.76 -14.43 14.46
N PRO A 72 -22.97 -15.32 13.47
CA PRO A 72 -22.37 -16.66 13.52
C PRO A 72 -20.85 -16.51 13.49
N GLN A 73 -20.15 -17.43 14.13
CA GLN A 73 -18.69 -17.38 14.14
C GLN A 73 -18.11 -18.65 13.55
N VAL A 74 -16.89 -18.55 13.02
CA VAL A 74 -16.20 -19.67 12.40
C VAL A 74 -14.77 -19.75 12.93
N GLN A 82 -13.83 -11.18 1.96
CA GLN A 82 -14.90 -11.90 2.61
C GLN A 82 -16.14 -11.01 2.78
N PRO A 83 -16.30 -9.99 1.93
CA PRO A 83 -17.49 -9.14 2.10
C PRO A 83 -18.76 -9.93 1.81
N SER A 84 -19.78 -9.74 2.64
CA SER A 84 -21.04 -10.43 2.45
C SER A 84 -21.73 -9.75 1.28
N GLN A 85 -22.73 -10.43 0.70
CA GLN A 85 -23.47 -9.85 -0.39
C GLN A 85 -24.24 -8.65 0.15
N ASP A 86 -24.60 -8.71 1.43
CA ASP A 86 -25.32 -7.61 2.07
C ASP A 86 -24.48 -6.34 1.91
N LEU A 87 -23.20 -6.45 2.24
CA LEU A 87 -22.28 -5.32 2.14
C LEU A 87 -22.10 -4.86 0.71
N VAL A 88 -21.95 -5.79 -0.22
CA VAL A 88 -21.79 -5.43 -1.63
C VAL A 88 -23.03 -4.64 -2.06
N ARG A 89 -24.19 -5.11 -1.65
CA ARG A 89 -25.45 -4.45 -1.98
C ARG A 89 -25.50 -3.01 -1.45
N VAL A 90 -25.22 -2.83 -0.17
CA VAL A 90 -25.25 -1.48 0.41
C VAL A 90 -24.23 -0.58 -0.25
N LEU A 91 -23.05 -1.11 -0.55
CA LEU A 91 -22.01 -0.31 -1.19
C LEU A 91 -22.44 0.08 -2.60
N ASN A 92 -23.24 -0.78 -3.25
CA ASN A 92 -23.72 -0.44 -4.58
C ASN A 92 -24.70 0.74 -4.47
N LEU A 93 -25.49 0.76 -3.40
CA LEU A 93 -26.43 1.86 -3.21
C LEU A 93 -25.68 3.14 -2.86
N CYS A 94 -24.56 3.01 -2.15
CA CYS A 94 -23.76 4.19 -1.81
C CYS A 94 -23.34 4.83 -3.12
N ASP A 95 -22.91 4.01 -4.06
CA ASP A 95 -22.50 4.47 -5.37
C ASP A 95 -23.62 5.24 -6.07
N ASN A 96 -24.81 4.64 -6.10
CA ASN A 96 -25.96 5.26 -6.74
C ASN A 96 -26.34 6.58 -6.05
N VAL A 97 -26.28 6.60 -4.73
CA VAL A 97 -26.60 7.80 -3.96
C VAL A 97 -25.60 8.91 -4.24
N ALA A 98 -24.32 8.57 -4.36
CA ALA A 98 -23.29 9.55 -4.65
C ALA A 98 -23.58 10.14 -6.02
N GLN A 99 -23.98 9.28 -6.96
CA GLN A 99 -24.30 9.73 -8.31
C GLN A 99 -25.50 10.67 -8.31
N LYS A 100 -26.54 10.31 -7.56
CA LYS A 100 -27.73 11.15 -7.49
C LYS A 100 -27.46 12.51 -6.86
N ARG A 101 -26.63 12.54 -5.81
CA ARG A 101 -26.32 13.79 -5.14
C ARG A 101 -25.29 14.60 -5.92
N GLY A 102 -24.68 13.97 -6.91
CA GLY A 102 -23.68 14.67 -7.70
C GLY A 102 -22.33 14.78 -6.99
N ASP A 103 -22.00 13.79 -6.17
CA ASP A 103 -20.71 13.81 -5.47
C ASP A 103 -19.63 13.19 -6.36
N ASN A 104 -18.42 13.73 -6.29
CA ASN A 104 -17.32 13.21 -7.09
C ASN A 104 -16.89 11.84 -6.58
N PHE A 105 -16.87 11.70 -5.26
CA PHE A 105 -16.50 10.43 -4.63
C PHE A 105 -17.55 9.98 -3.64
N ILE A 106 -17.46 8.72 -3.26
CA ILE A 106 -18.39 8.12 -2.32
C ILE A 106 -17.81 8.28 -0.91
N SER A 107 -18.48 9.09 -0.09
CA SER A 107 -18.01 9.32 1.25
C SER A 107 -18.72 8.48 2.31
N SER A 108 -18.12 8.45 3.50
CA SER A 108 -18.65 7.70 4.64
C SER A 108 -20.08 8.02 5.02
N GLU A 109 -20.44 9.30 4.95
CA GLU A 109 -21.80 9.75 5.30
C GLU A 109 -22.86 9.06 4.46
N LEU A 110 -22.56 8.79 3.20
CA LEU A 110 -23.55 8.14 2.33
C LEU A 110 -23.86 6.73 2.84
N PHE A 111 -22.87 6.07 3.43
CA PHE A 111 -23.11 4.72 3.94
C PHE A 111 -24.26 4.70 4.95
N VAL A 112 -24.33 5.73 5.80
CA VAL A 112 -25.40 5.78 6.80
C VAL A 112 -26.75 5.80 6.09
N LEU A 113 -26.86 6.67 5.08
CA LEU A 113 -28.11 6.77 4.33
C LEU A 113 -28.45 5.46 3.59
N ALA A 114 -27.47 4.90 2.90
CA ALA A 114 -27.70 3.66 2.15
C ALA A 114 -28.07 2.50 3.06
N ALA A 115 -27.41 2.41 4.22
CA ALA A 115 -27.69 1.34 5.17
C ALA A 115 -29.12 1.46 5.68
N LEU A 116 -29.55 2.69 5.94
CA LEU A 116 -30.88 2.94 6.44
C LEU A 116 -31.94 2.43 5.46
N GLU A 117 -31.62 2.49 4.17
CA GLU A 117 -32.55 2.08 3.12
C GLU A 117 -32.31 0.65 2.59
N SER A 118 -31.45 -0.12 3.25
CA SER A 118 -31.16 -1.48 2.78
C SER A 118 -31.72 -2.63 3.63
N ARG A 119 -32.66 -2.34 4.52
CA ARG A 119 -33.25 -3.39 5.36
C ARG A 119 -32.16 -4.15 6.13
N GLY A 120 -32.59 -5.18 6.85
CA GLY A 120 -31.64 -5.96 7.61
C GLY A 120 -31.41 -5.37 8.99
N THR A 121 -30.53 -6.01 9.74
CA THR A 121 -30.21 -5.60 11.09
C THR A 121 -29.74 -4.16 11.28
N VAL A 122 -28.77 -3.72 10.48
CA VAL A 122 -28.28 -2.36 10.62
C VAL A 122 -29.37 -1.33 10.40
N ALA A 123 -30.18 -1.53 9.38
CA ALA A 123 -31.27 -0.60 9.10
C ALA A 123 -32.23 -0.55 10.30
N ASP A 124 -32.50 -1.71 10.91
CA ASP A 124 -33.39 -1.77 12.06
C ASP A 124 -32.82 -0.97 13.23
N ILE A 125 -31.53 -1.18 13.49
CA ILE A 125 -30.85 -0.46 14.57
C ILE A 125 -30.90 1.04 14.31
N LEU A 126 -30.56 1.46 13.10
CA LEU A 126 -30.58 2.89 12.78
C LEU A 126 -31.97 3.51 12.95
N LYS A 127 -33.00 2.80 12.50
CA LYS A 127 -34.37 3.29 12.62
C LYS A 127 -34.72 3.44 14.10
N ALA A 128 -34.43 2.42 14.89
CA ALA A 128 -34.72 2.45 16.31
C ALA A 128 -33.97 3.60 16.98
N ALA A 129 -32.76 3.87 16.49
CA ALA A 129 -31.93 4.95 17.04
C ALA A 129 -32.44 6.34 16.67
N GLY A 130 -33.43 6.40 15.77
CA GLY A 130 -33.98 7.69 15.37
C GLY A 130 -33.61 8.19 13.99
N ALA A 131 -32.80 7.41 13.26
CA ALA A 131 -32.40 7.81 11.93
C ALA A 131 -33.53 7.67 10.91
N THR A 132 -33.63 8.65 10.03
CA THR A 132 -34.64 8.64 8.96
C THR A 132 -33.97 9.18 7.72
N THR A 133 -34.52 8.83 6.56
CA THR A 133 -33.99 9.33 5.30
C THR A 133 -33.89 10.85 5.40
N ALA A 134 -34.88 11.45 6.06
CA ALA A 134 -34.93 12.89 6.23
C ALA A 134 -33.83 13.52 7.10
N ASN A 135 -33.67 13.06 8.34
CA ASN A 135 -32.63 13.69 9.15
C ASN A 135 -31.20 13.32 8.74
N ILE A 136 -31.01 12.19 8.09
CA ILE A 136 -29.68 11.80 7.64
C ILE A 136 -29.33 12.58 6.38
N THR A 137 -30.30 12.72 5.48
CA THR A 137 -30.05 13.47 4.24
C THR A 137 -29.74 14.92 4.59
N GLN A 138 -30.44 15.44 5.59
CA GLN A 138 -30.23 16.83 6.02
C GLN A 138 -28.84 16.99 6.60
N ALA A 139 -28.43 16.04 7.42
CA ALA A 139 -27.10 16.08 8.03
C ALA A 139 -26.04 16.00 6.92
N ILE A 140 -26.28 15.16 5.92
CA ILE A 140 -25.34 15.00 4.82
C ILE A 140 -25.18 16.31 4.06
N GLU A 141 -26.29 16.93 3.69
CA GLU A 141 -26.25 18.19 2.96
C GLU A 141 -25.58 19.27 3.79
N GLN A 142 -25.82 19.24 5.10
CA GLN A 142 -25.22 20.21 6.00
C GLN A 142 -23.73 19.94 6.15
N ASP B 4 -0.69 0.13 11.20
CA ASP B 4 -1.81 -0.70 11.72
C ASP B 4 -1.53 -1.14 13.14
N ARG B 5 -1.87 -2.40 13.41
CA ARG B 5 -1.67 -3.02 14.70
C ARG B 5 -0.33 -3.76 14.64
N LEU B 6 0.37 -3.59 13.52
CA LEU B 6 1.65 -4.24 13.32
C LEU B 6 2.75 -3.47 14.04
N THR B 7 3.72 -4.19 14.60
CA THR B 7 4.84 -3.53 15.27
C THR B 7 5.61 -2.78 14.20
N ASN B 8 6.48 -1.86 14.63
CA ASN B 8 7.27 -1.10 13.67
C ASN B 8 8.22 -2.03 12.91
N LYS B 9 8.82 -2.97 13.62
CA LYS B 9 9.73 -3.92 12.99
C LYS B 9 9.04 -4.74 11.91
N PHE B 10 7.81 -5.15 12.20
CA PHE B 10 7.03 -5.94 11.24
C PHE B 10 6.71 -5.07 10.03
N GLN B 11 6.35 -3.81 10.26
CA GLN B 11 6.02 -2.92 9.15
C GLN B 11 7.24 -2.70 8.27
N LEU B 12 8.40 -2.52 8.90
CA LEU B 12 9.65 -2.32 8.15
C LEU B 12 10.02 -3.55 7.33
N ALA B 13 9.74 -4.74 7.86
CA ALA B 13 10.03 -5.98 7.15
C ALA B 13 9.12 -6.09 5.92
N LEU B 14 7.87 -5.64 6.09
CA LEU B 14 6.92 -5.66 4.99
C LEU B 14 7.42 -4.76 3.86
N ALA B 15 7.93 -3.58 4.22
CA ALA B 15 8.46 -2.66 3.22
C ALA B 15 9.63 -3.35 2.50
N ASP B 16 10.48 -4.05 3.26
CA ASP B 16 11.62 -4.74 2.67
C ASP B 16 11.13 -5.89 1.77
N ALA B 17 10.05 -6.54 2.16
CA ALA B 17 9.49 -7.64 1.38
C ALA B 17 9.07 -7.09 0.00
N GLN B 18 8.50 -5.90 -0.01
CA GLN B 18 8.09 -5.27 -1.25
C GLN B 18 9.31 -5.00 -2.13
N SER B 19 10.40 -4.53 -1.52
CA SER B 19 11.64 -4.25 -2.26
C SER B 19 12.21 -5.54 -2.82
N LEU B 20 12.12 -6.62 -2.04
CA LEU B 20 12.63 -7.89 -2.50
C LEU B 20 11.84 -8.35 -3.70
N ALA B 21 10.51 -8.27 -3.63
CA ALA B 21 9.69 -8.69 -4.77
C ALA B 21 10.07 -7.89 -6.01
N LEU B 22 10.22 -6.58 -5.85
CA LEU B 22 10.59 -5.71 -6.97
C LEU B 22 11.96 -6.10 -7.53
N GLY B 23 12.94 -6.24 -6.64
CA GLY B 23 14.28 -6.60 -7.04
C GLY B 23 14.38 -7.94 -7.74
N HIS B 24 13.43 -8.84 -7.46
CA HIS B 24 13.45 -10.16 -8.08
C HIS B 24 12.50 -10.26 -9.28
N ASP B 25 11.91 -9.13 -9.64
CA ASP B 25 10.97 -9.05 -10.77
C ASP B 25 9.70 -9.88 -10.57
N ASN B 26 9.24 -9.98 -9.33
CA ASN B 26 8.02 -10.73 -9.06
C ASN B 26 6.85 -9.73 -9.04
N GLN B 27 5.72 -10.16 -9.57
CA GLN B 27 4.54 -9.31 -9.66
C GLN B 27 3.81 -9.14 -8.32
N PHE B 28 3.88 -10.18 -7.49
CA PHE B 28 3.22 -10.15 -6.19
C PHE B 28 4.17 -10.38 -5.02
N ILE B 29 3.88 -9.71 -3.91
CA ILE B 29 4.66 -9.91 -2.69
C ILE B 29 4.00 -11.14 -2.10
N GLU B 30 4.77 -12.20 -1.88
CA GLU B 30 4.24 -13.45 -1.34
C GLU B 30 4.73 -13.66 0.08
N PRO B 31 4.09 -14.57 0.82
CA PRO B 31 4.54 -14.84 2.19
C PRO B 31 6.04 -15.13 2.16
N LEU B 32 6.52 -15.76 1.09
CA LEU B 32 7.94 -16.07 0.96
C LEU B 32 8.82 -14.83 1.04
N HIS B 33 8.40 -13.76 0.37
CA HIS B 33 9.16 -12.50 0.40
C HIS B 33 9.25 -11.95 1.82
N LEU B 34 8.13 -11.98 2.53
CA LEU B 34 8.09 -11.50 3.90
C LEU B 34 9.03 -12.32 4.79
N MET B 35 8.97 -13.64 4.64
CA MET B 35 9.81 -14.53 5.42
C MET B 35 11.28 -14.20 5.19
N SER B 36 11.65 -14.03 3.91
CA SER B 36 13.02 -13.71 3.55
C SER B 36 13.45 -12.40 4.22
N ALA B 37 12.58 -11.40 4.18
CA ALA B 37 12.86 -10.11 4.79
C ALA B 37 13.06 -10.29 6.31
N LEU B 38 12.14 -11.00 6.94
CA LEU B 38 12.21 -11.23 8.38
C LEU B 38 13.47 -11.99 8.78
N LEU B 39 13.88 -12.95 7.95
CA LEU B 39 15.09 -13.72 8.23
C LEU B 39 16.32 -12.84 8.10
N ASN B 40 16.26 -11.86 7.21
CA ASN B 40 17.39 -10.95 6.99
C ASN B 40 17.35 -9.68 7.84
N GLN B 41 16.38 -9.58 8.74
CA GLN B 41 16.26 -8.38 9.57
C GLN B 41 17.18 -8.40 10.79
N GLU B 42 18.21 -7.58 10.75
CA GLU B 42 19.16 -7.47 11.84
C GLU B 42 18.37 -7.05 13.08
N GLY B 43 18.58 -7.76 14.19
CA GLY B 43 17.86 -7.46 15.40
C GLY B 43 16.42 -7.93 15.35
N GLY B 44 16.08 -8.63 14.27
CA GLY B 44 14.72 -9.12 14.11
C GLY B 44 14.44 -10.27 15.06
N SER B 45 13.15 -10.52 15.31
CA SER B 45 12.74 -11.59 16.21
C SER B 45 12.65 -12.97 15.56
N VAL B 46 12.38 -13.01 14.26
CA VAL B 46 12.22 -14.28 13.56
C VAL B 46 13.39 -15.26 13.63
N SER B 47 14.59 -14.81 13.31
CA SER B 47 15.76 -15.70 13.34
C SER B 47 15.98 -16.33 14.72
N PRO B 48 16.04 -15.51 15.78
CA PRO B 48 16.25 -16.12 17.09
C PRO B 48 15.07 -17.01 17.50
N LEU B 49 13.85 -16.66 17.07
CA LEU B 49 12.69 -17.47 17.40
C LEU B 49 12.88 -18.88 16.82
N LEU B 50 13.30 -18.95 15.57
CA LEU B 50 13.53 -20.23 14.90
C LEU B 50 14.64 -21.03 15.58
N THR B 51 15.75 -20.36 15.87
CA THR B 51 16.87 -21.02 16.54
C THR B 51 16.39 -21.60 17.87
N SER B 52 15.55 -20.84 18.56
CA SER B 52 15.02 -21.28 19.85
C SER B 52 14.07 -22.46 19.69
N ALA B 53 13.38 -22.51 18.55
CA ALA B 53 12.44 -23.59 18.28
C ALA B 53 13.19 -24.82 17.75
N GLY B 54 14.49 -24.68 17.57
CA GLY B 54 15.31 -25.78 17.07
C GLY B 54 15.33 -25.91 15.56
N ILE B 55 15.06 -24.80 14.87
CA ILE B 55 15.04 -24.77 13.42
C ILE B 55 16.23 -23.99 12.89
N ASN B 56 16.93 -24.55 11.90
CA ASN B 56 18.09 -23.89 11.33
C ASN B 56 17.71 -22.70 10.44
N ALA B 57 17.83 -21.50 11.00
CA ALA B 57 17.48 -20.28 10.27
C ALA B 57 18.34 -20.08 9.03
N GLY B 58 19.60 -20.50 9.10
CA GLY B 58 20.49 -20.36 7.96
C GLY B 58 20.00 -21.12 6.75
N GLN B 59 19.71 -22.40 6.94
CA GLN B 59 19.24 -23.26 5.85
C GLN B 59 17.85 -22.85 5.39
N LEU B 60 17.10 -22.21 6.30
CA LEU B 60 15.75 -21.79 5.96
C LEU B 60 15.81 -20.69 4.90
N ARG B 61 16.68 -19.70 5.08
CA ARG B 61 16.77 -18.62 4.10
C ARG B 61 17.24 -19.13 2.74
N THR B 62 17.97 -20.23 2.74
CA THR B 62 18.45 -20.82 1.50
C THR B 62 17.28 -21.46 0.76
N ASP B 63 16.46 -22.22 1.48
CA ASP B 63 15.30 -22.87 0.88
C ASP B 63 14.26 -21.84 0.46
N ILE B 64 14.15 -20.76 1.23
CA ILE B 64 13.20 -19.71 0.89
C ILE B 64 13.70 -18.99 -0.36
N ASN B 65 15.00 -18.77 -0.45
CA ASN B 65 15.54 -18.11 -1.64
C ASN B 65 15.34 -18.99 -2.87
N GLN B 66 15.46 -20.31 -2.68
CA GLN B 66 15.26 -21.25 -3.77
C GLN B 66 13.82 -21.16 -4.26
N ALA B 67 12.88 -21.07 -3.32
CA ALA B 67 11.46 -20.97 -3.67
C ALA B 67 11.18 -19.63 -4.37
N LEU B 68 11.82 -18.56 -3.90
CA LEU B 68 11.63 -17.24 -4.52
C LEU B 68 12.13 -17.29 -5.96
N ASN B 69 13.23 -18.01 -6.16
CA ASN B 69 13.81 -18.16 -7.49
C ASN B 69 12.91 -18.92 -8.46
N ARG B 70 11.90 -19.62 -7.93
CA ARG B 70 10.97 -20.40 -8.76
C ARG B 70 9.72 -19.62 -9.14
N LEU B 71 9.49 -18.49 -8.49
CA LEU B 71 8.30 -17.70 -8.78
C LEU B 71 8.31 -17.06 -10.15
N PRO B 72 7.13 -16.85 -10.73
CA PRO B 72 7.03 -16.24 -12.07
C PRO B 72 7.62 -14.83 -12.00
N GLN B 73 8.19 -14.35 -13.09
CA GLN B 73 8.75 -13.01 -13.12
C GLN B 73 8.09 -12.18 -14.21
N VAL B 74 8.09 -10.87 -14.03
CA VAL B 74 7.52 -9.94 -14.99
C VAL B 74 8.50 -8.81 -15.28
N GLN B 82 1.36 -4.34 -4.15
CA GLN B 82 1.35 -5.55 -4.95
C GLN B 82 1.28 -6.79 -4.08
N PRO B 83 0.74 -6.69 -2.86
CA PRO B 83 0.68 -7.90 -2.03
C PRO B 83 -0.26 -8.94 -2.64
N SER B 84 0.16 -10.19 -2.63
CA SER B 84 -0.67 -11.26 -3.17
C SER B 84 -1.78 -11.50 -2.18
N GLN B 85 -2.83 -12.18 -2.62
CA GLN B 85 -3.94 -12.48 -1.73
C GLN B 85 -3.41 -13.47 -0.68
N ASP B 86 -2.42 -14.28 -1.07
CA ASP B 86 -1.82 -15.24 -0.14
C ASP B 86 -1.33 -14.47 1.08
N LEU B 87 -0.59 -13.40 0.82
CA LEU B 87 -0.02 -12.57 1.89
C LEU B 87 -1.11 -11.89 2.71
N VAL B 88 -2.14 -11.36 2.05
CA VAL B 88 -3.24 -10.71 2.76
C VAL B 88 -3.87 -11.73 3.70
N ARG B 89 -4.05 -12.95 3.19
CA ARG B 89 -4.64 -14.03 3.98
C ARG B 89 -3.80 -14.34 5.24
N VAL B 90 -2.50 -14.57 5.05
CA VAL B 90 -1.63 -14.88 6.18
C VAL B 90 -1.61 -13.73 7.18
N LEU B 91 -1.57 -12.50 6.69
CA LEU B 91 -1.56 -11.34 7.58
C LEU B 91 -2.87 -11.26 8.36
N ASN B 92 -3.96 -11.70 7.75
CA ASN B 92 -5.24 -11.68 8.45
C ASN B 92 -5.18 -12.69 9.60
N LEU B 93 -4.51 -13.82 9.39
CA LEU B 93 -4.40 -14.82 10.45
C LEU B 93 -3.47 -14.32 11.54
N CYS B 94 -2.46 -13.53 11.16
CA CYS B 94 -1.54 -12.98 12.17
C CYS B 94 -2.38 -12.15 13.12
N ASP B 95 -3.29 -11.36 12.56
CA ASP B 95 -4.18 -10.50 13.33
C ASP B 95 -5.01 -11.33 14.31
N ASN B 96 -5.62 -12.39 13.80
CA ASN B 96 -6.46 -13.26 14.63
C ASN B 96 -5.64 -13.94 15.74
N VAL B 97 -4.42 -14.36 15.40
CA VAL B 97 -3.54 -15.01 16.37
C VAL B 97 -3.12 -14.03 17.46
N ALA B 98 -2.84 -12.79 17.08
CA ALA B 98 -2.46 -11.78 18.06
C ALA B 98 -3.64 -11.58 19.01
N GLN B 99 -4.85 -11.55 18.45
CA GLN B 99 -6.06 -11.37 19.26
C GLN B 99 -6.24 -12.54 20.23
N LYS B 100 -6.05 -13.76 19.74
CA LYS B 100 -6.21 -14.93 20.59
C LYS B 100 -5.17 -15.00 21.72
N ARG B 101 -3.94 -14.61 21.42
CA ARG B 101 -2.88 -14.63 22.43
C ARG B 101 -2.98 -13.43 23.36
N GLY B 102 -3.81 -12.46 22.99
CA GLY B 102 -3.95 -11.28 23.83
C GLY B 102 -2.81 -10.29 23.67
N ASP B 103 -2.20 -10.24 22.47
CA ASP B 103 -1.10 -9.31 22.23
C ASP B 103 -1.67 -7.95 21.83
N ASN B 104 -1.03 -6.87 22.27
CA ASN B 104 -1.47 -5.52 21.93
C ASN B 104 -1.22 -5.25 20.45
N PHE B 105 -0.07 -5.71 19.95
CA PHE B 105 0.29 -5.52 18.55
C PHE B 105 0.66 -6.84 17.90
N ILE B 106 0.70 -6.83 16.58
CA ILE B 106 1.03 -8.01 15.80
C ILE B 106 2.54 -8.01 15.54
N SER B 107 3.24 -8.96 16.15
CA SER B 107 4.68 -9.03 15.98
C SER B 107 5.13 -10.04 14.93
N SER B 108 6.40 -9.93 14.55
CA SER B 108 7.02 -10.79 13.55
C SER B 108 6.92 -12.28 13.83
N GLU B 109 7.06 -12.66 15.10
CA GLU B 109 7.00 -14.06 15.51
C GLU B 109 5.67 -14.71 15.13
N LEU B 110 4.59 -13.96 15.19
CA LEU B 110 3.28 -14.51 14.84
C LEU B 110 3.23 -14.91 13.37
N PHE B 111 3.95 -14.18 12.52
CA PHE B 111 3.96 -14.52 11.11
C PHE B 111 4.43 -15.96 10.88
N VAL B 112 5.43 -16.39 11.63
CA VAL B 112 5.95 -17.75 11.48
C VAL B 112 4.82 -18.73 11.76
N LEU B 113 4.11 -18.52 12.86
CA LEU B 113 3.01 -19.41 13.22
C LEU B 113 1.87 -19.39 12.19
N ALA B 114 1.46 -18.19 11.79
CA ALA B 114 0.39 -18.06 10.81
C ALA B 114 0.76 -18.68 9.45
N ALA B 115 2.00 -18.49 9.03
CA ALA B 115 2.46 -19.05 7.75
C ALA B 115 2.43 -20.57 7.81
N LEU B 116 2.82 -21.12 8.95
CA LEU B 116 2.85 -22.57 9.12
C LEU B 116 1.45 -23.15 8.96
N GLU B 117 0.43 -22.39 9.35
CA GLU B 117 -0.96 -22.84 9.26
C GLU B 117 -1.72 -22.35 8.03
N SER B 118 -1.03 -21.75 7.07
CA SER B 118 -1.70 -21.24 5.87
C SER B 118 -1.46 -22.01 4.56
N ARG B 119 -0.94 -23.23 4.65
CA ARG B 119 -0.68 -24.02 3.45
C ARG B 119 0.20 -23.26 2.45
N GLY B 120 0.41 -23.87 1.29
CA GLY B 120 1.23 -23.23 0.29
C GLY B 120 2.69 -23.55 0.47
N THR B 121 3.51 -22.98 -0.38
CA THR B 121 4.95 -23.20 -0.37
C THR B 121 5.67 -22.91 0.93
N VAL B 122 5.44 -21.75 1.52
CA VAL B 122 6.11 -21.39 2.77
C VAL B 122 5.78 -22.39 3.88
N ALA B 123 4.52 -22.76 4.00
CA ALA B 123 4.11 -23.72 5.02
C ALA B 123 4.86 -25.05 4.80
N ASP B 124 4.98 -25.47 3.54
CA ASP B 124 5.67 -26.72 3.23
C ASP B 124 7.12 -26.65 3.65
N ILE B 125 7.79 -25.54 3.31
CA ILE B 125 9.18 -25.35 3.67
C ILE B 125 9.34 -25.38 5.18
N LEU B 126 8.49 -24.65 5.91
CA LEU B 126 8.58 -24.61 7.36
C LEU B 126 8.39 -26.00 7.98
N LYS B 127 7.42 -26.75 7.48
CA LYS B 127 7.16 -28.08 7.99
C LYS B 127 8.38 -28.97 7.76
N ALA B 128 8.92 -28.93 6.54
CA ALA B 128 10.09 -29.74 6.21
C ALA B 128 11.27 -29.34 7.09
N ALA B 129 11.35 -28.06 7.43
CA ALA B 129 12.42 -27.55 8.27
C ALA B 129 12.28 -27.95 9.74
N GLY B 130 11.13 -28.54 10.10
CA GLY B 130 10.93 -28.98 11.46
C GLY B 130 9.97 -28.14 12.30
N ALA B 131 9.41 -27.10 11.70
CA ALA B 131 8.48 -26.24 12.42
C ALA B 131 7.11 -26.91 12.62
N THR B 132 6.55 -26.73 13.81
CA THR B 132 5.24 -27.27 14.13
C THR B 132 4.51 -26.23 14.95
N THR B 133 3.19 -26.30 14.96
CA THR B 133 2.40 -25.36 15.74
C THR B 133 2.93 -25.38 17.16
N ALA B 134 3.31 -26.57 17.62
CA ALA B 134 3.83 -26.76 18.97
C ALA B 134 5.17 -26.09 19.27
N ASN B 135 6.21 -26.37 18.50
CA ASN B 135 7.48 -25.74 18.83
C ASN B 135 7.56 -24.24 18.52
N ILE B 136 6.73 -23.77 17.59
CA ILE B 136 6.73 -22.35 17.26
C ILE B 136 5.94 -21.60 18.34
N THR B 137 4.82 -22.18 18.77
CA THR B 137 4.01 -21.53 19.80
C THR B 137 4.81 -21.45 21.09
N GLN B 138 5.60 -22.49 21.37
CA GLN B 138 6.42 -22.53 22.56
C GLN B 138 7.49 -21.45 22.50
N ALA B 139 8.12 -21.33 21.34
CA ALA B 139 9.17 -20.33 21.14
C ALA B 139 8.55 -18.93 21.31
N ILE B 140 7.34 -18.74 20.78
CA ILE B 140 6.66 -17.45 20.87
C ILE B 140 6.40 -17.08 22.34
N GLU B 141 5.82 -18.01 23.08
CA GLU B 141 5.52 -17.78 24.49
C GLU B 141 6.81 -17.52 25.27
N GLN B 142 7.88 -18.22 24.89
CA GLN B 142 9.16 -18.05 25.56
C GLN B 142 9.77 -16.71 25.18
N ASP C 4 9.71 10.95 0.82
CA ASP C 4 9.76 9.49 0.55
C ASP C 4 11.16 8.97 0.75
N ARG C 5 11.55 8.07 -0.15
CA ARG C 5 12.86 7.46 -0.14
C ARG C 5 13.74 8.28 -1.08
N LEU C 6 13.19 9.38 -1.58
CA LEU C 6 13.92 10.26 -2.49
C LEU C 6 14.85 11.17 -1.71
N THR C 7 16.02 11.46 -2.29
CA THR C 7 16.97 12.35 -1.63
C THR C 7 16.32 13.73 -1.61
N ASN C 8 16.85 14.62 -0.79
CA ASN C 8 16.30 15.97 -0.72
C ASN C 8 16.47 16.69 -2.05
N LYS C 9 17.63 16.51 -2.69
CA LYS C 9 17.90 17.14 -3.97
C LYS C 9 16.90 16.68 -5.03
N PHE C 10 16.59 15.39 -5.02
CA PHE C 10 15.64 14.83 -5.98
C PHE C 10 14.25 15.41 -5.71
N GLN C 11 13.88 15.52 -4.44
CA GLN C 11 12.57 16.07 -4.09
C GLN C 11 12.48 17.52 -4.55
N LEU C 12 13.54 18.29 -4.34
CA LEU C 12 13.56 19.69 -4.74
C LEU C 12 13.46 19.84 -6.27
N ALA C 13 14.08 18.91 -7.00
CA ALA C 13 14.02 18.96 -8.45
C ALA C 13 12.59 18.67 -8.92
N LEU C 14 11.93 17.76 -8.21
CA LEU C 14 10.54 17.42 -8.53
C LEU C 14 9.66 18.66 -8.36
N ALA C 15 9.88 19.40 -7.28
CA ALA C 15 9.10 20.61 -7.04
C ALA C 15 9.37 21.59 -8.18
N ASP C 16 10.62 21.69 -8.61
CA ASP C 16 10.97 22.58 -9.72
C ASP C 16 10.32 22.10 -11.03
N ALA C 17 10.24 20.79 -11.20
CA ALA C 17 9.63 20.21 -12.40
C ALA C 17 8.16 20.66 -12.47
N GLN C 18 7.51 20.67 -11.32
CA GLN C 18 6.11 21.10 -11.23
C GLN C 18 5.99 22.57 -11.64
N SER C 19 6.93 23.40 -11.18
CA SER C 19 6.93 24.83 -11.52
C SER C 19 7.17 25.01 -13.01
N LEU C 20 8.05 24.18 -13.58
CA LEU C 20 8.32 24.27 -14.99
C LEU C 20 7.07 23.94 -15.78
N ALA C 21 6.39 22.85 -15.41
CA ALA C 21 5.17 22.47 -16.12
C ALA C 21 4.15 23.63 -16.07
N LEU C 22 3.99 24.21 -14.89
CA LEU C 22 3.06 25.32 -14.70
C LEU C 22 3.46 26.51 -15.58
N GLY C 23 4.73 26.89 -15.48
CA GLY C 23 5.23 28.01 -16.24
C GLY C 23 5.12 27.83 -17.75
N HIS C 24 5.10 26.59 -18.22
CA HIS C 24 5.00 26.33 -19.65
C HIS C 24 3.57 26.01 -20.07
N ASP C 25 2.63 26.12 -19.15
CA ASP C 25 1.21 25.85 -19.41
C ASP C 25 0.92 24.39 -19.78
N ASN C 26 1.70 23.47 -19.22
CA ASN C 26 1.46 22.05 -19.49
C ASN C 26 0.57 21.49 -18.40
N GLN C 27 -0.34 20.61 -18.78
CA GLN C 27 -1.28 20.02 -17.85
C GLN C 27 -0.66 18.95 -16.96
N PHE C 28 0.33 18.25 -17.49
CA PHE C 28 0.99 17.18 -16.74
C PHE C 28 2.49 17.37 -16.60
N ILE C 29 3.03 16.97 -15.47
CA ILE C 29 4.47 17.03 -15.25
C ILE C 29 4.94 15.73 -15.92
N GLU C 30 5.83 15.86 -16.90
CA GLU C 30 6.34 14.70 -17.63
C GLU C 30 7.79 14.44 -17.28
N PRO C 31 8.29 13.25 -17.61
CA PRO C 31 9.68 12.95 -17.31
C PRO C 31 10.56 14.08 -17.88
N LEU C 32 10.14 14.65 -19.00
CA LEU C 32 10.90 15.75 -19.63
C LEU C 32 11.08 16.93 -18.68
N HIS C 33 10.02 17.26 -17.93
CA HIS C 33 10.07 18.36 -16.99
C HIS C 33 11.09 18.08 -15.89
N LEU C 34 11.23 16.80 -15.54
CA LEU C 34 12.19 16.39 -14.51
C LEU C 34 13.61 16.44 -15.05
N MET C 35 13.75 16.18 -16.35
CA MET C 35 15.06 16.28 -17.01
C MET C 35 15.47 17.74 -17.16
N SER C 36 14.49 18.63 -17.29
CA SER C 36 14.74 20.05 -17.44
C SER C 36 15.10 20.67 -16.10
N ALA C 37 14.60 20.09 -15.02
CA ALA C 37 14.87 20.59 -13.68
C ALA C 37 16.22 20.06 -13.18
N LEU C 38 16.43 18.76 -13.33
CA LEU C 38 17.68 18.14 -12.90
C LEU C 38 18.89 18.71 -13.63
N LEU C 39 18.74 18.99 -14.92
CA LEU C 39 19.82 19.55 -15.71
C LEU C 39 20.13 20.98 -15.26
N ASN C 40 19.11 21.68 -14.79
CA ASN C 40 19.28 23.06 -14.32
C ASN C 40 19.57 23.19 -12.82
N GLN C 41 19.73 22.07 -12.13
CA GLN C 41 19.98 22.11 -10.70
C GLN C 41 21.45 22.35 -10.34
N GLU C 42 21.73 23.55 -9.85
CA GLU C 42 23.08 23.92 -9.45
C GLU C 42 23.51 22.93 -8.38
N GLY C 43 24.70 22.36 -8.53
CA GLY C 43 25.20 21.39 -7.58
C GLY C 43 24.51 20.05 -7.73
N GLY C 44 23.67 19.93 -8.75
CA GLY C 44 22.96 18.69 -8.99
C GLY C 44 23.90 17.61 -9.50
N SER C 45 23.48 16.35 -9.35
CA SER C 45 24.27 15.21 -9.79
C SER C 45 24.10 14.85 -11.27
N VAL C 46 22.94 15.15 -11.83
CA VAL C 46 22.68 14.80 -13.22
C VAL C 46 23.63 15.33 -14.28
N SER C 47 23.91 16.64 -14.26
CA SER C 47 24.81 17.21 -15.26
C SER C 47 26.20 16.58 -15.22
N PRO C 48 26.84 16.53 -14.04
CA PRO C 48 28.17 15.91 -14.02
C PRO C 48 28.11 14.42 -14.38
N LEU C 49 27.02 13.75 -14.04
CA LEU C 49 26.88 12.33 -14.37
C LEU C 49 26.95 12.16 -15.89
N LEU C 50 26.19 12.99 -16.59
CA LEU C 50 26.15 12.95 -18.06
C LEU C 50 27.52 13.25 -18.66
N THR C 51 28.15 14.30 -18.17
CA THR C 51 29.46 14.69 -18.68
C THR C 51 30.44 13.52 -18.48
N SER C 52 30.32 12.84 -17.33
CA SER C 52 31.17 11.71 -17.03
C SER C 52 30.87 10.53 -17.94
N ALA C 53 29.62 10.40 -18.36
CA ALA C 53 29.21 9.32 -19.25
C ALA C 53 29.55 9.65 -20.69
N GLY C 54 30.07 10.85 -20.91
CA GLY C 54 30.43 11.29 -22.26
C GLY C 54 29.28 11.87 -23.05
N ILE C 55 28.28 12.38 -22.34
CA ILE C 55 27.10 12.96 -22.98
C ILE C 55 27.09 14.48 -22.78
N ASN C 56 26.84 15.23 -23.84
CA ASN C 56 26.83 16.68 -23.75
C ASN C 56 25.58 17.20 -23.05
N ALA C 57 25.73 17.55 -21.78
CA ALA C 57 24.62 18.05 -20.98
C ALA C 57 24.04 19.35 -21.54
N GLY C 58 24.89 20.19 -22.11
CA GLY C 58 24.43 21.44 -22.68
C GLY C 58 23.42 21.24 -23.79
N GLN C 59 23.79 20.40 -24.77
CA GLN C 59 22.91 20.12 -25.90
C GLN C 59 21.69 19.33 -25.47
N LEU C 60 21.82 18.60 -24.37
CA LEU C 60 20.71 17.81 -23.89
C LEU C 60 19.58 18.73 -23.42
N ARG C 61 19.92 19.77 -22.65
CA ARG C 61 18.87 20.67 -22.17
C ARG C 61 18.18 21.40 -23.32
N THR C 62 18.91 21.57 -24.43
CA THR C 62 18.34 22.23 -25.60
C THR C 62 17.31 21.31 -26.24
N ASP C 63 17.68 20.05 -26.43
CA ASP C 63 16.75 19.08 -27.03
C ASP C 63 15.57 18.82 -26.11
N ILE C 64 15.80 18.84 -24.80
CA ILE C 64 14.72 18.63 -23.86
C ILE C 64 13.79 19.84 -23.89
N ASN C 65 14.36 21.03 -24.00
CA ASN C 65 13.51 22.21 -24.06
C ASN C 65 12.70 22.21 -25.36
N GLN C 66 13.28 21.70 -26.44
CA GLN C 66 12.59 21.61 -27.72
C GLN C 66 11.39 20.66 -27.56
N ALA C 67 11.61 19.55 -26.87
CA ALA C 67 10.54 18.58 -26.66
C ALA C 67 9.44 19.16 -25.75
N LEU C 68 9.85 19.91 -24.74
CA LEU C 68 8.88 20.54 -23.83
C LEU C 68 8.02 21.52 -24.63
N ASN C 69 8.65 22.22 -25.56
CA ASN C 69 7.96 23.18 -26.41
C ASN C 69 6.93 22.54 -27.33
N ARG C 70 7.00 21.21 -27.50
CA ARG C 70 6.06 20.48 -28.37
C ARG C 70 4.87 19.92 -27.62
N LEU C 71 4.93 19.92 -26.29
CA LEU C 71 3.84 19.38 -25.50
C LEU C 71 2.58 20.22 -25.57
N PRO C 72 1.41 19.57 -25.41
CA PRO C 72 0.14 20.28 -25.46
C PRO C 72 0.10 21.29 -24.31
N GLN C 73 -0.60 22.40 -24.51
CA GLN C 73 -0.71 23.41 -23.47
C GLN C 73 -2.16 23.65 -23.11
N VAL C 74 -2.40 24.10 -21.89
CA VAL C 74 -3.74 24.39 -21.39
C VAL C 74 -3.76 25.76 -20.73
N GLN C 82 -0.07 17.14 -10.41
CA GLN C 82 -0.37 16.98 -11.81
C GLN C 82 0.65 16.07 -12.50
N PRO C 83 1.30 15.16 -11.74
CA PRO C 83 2.27 14.28 -12.40
C PRO C 83 1.58 13.36 -13.39
N SER C 84 2.17 13.19 -14.57
CA SER C 84 1.61 12.31 -15.58
C SER C 84 1.87 10.89 -15.12
N GLN C 85 1.15 9.94 -15.70
CA GLN C 85 1.35 8.55 -15.34
C GLN C 85 2.74 8.16 -15.84
N ASP C 86 3.20 8.80 -16.91
CA ASP C 86 4.55 8.54 -17.44
C ASP C 86 5.55 8.74 -16.32
N LEU C 87 5.43 9.89 -15.65
CA LEU C 87 6.34 10.25 -14.56
C LEU C 87 6.21 9.28 -13.39
N VAL C 88 4.98 8.93 -13.01
CA VAL C 88 4.77 7.99 -11.91
C VAL C 88 5.48 6.68 -12.25
N ARG C 89 5.33 6.25 -13.51
CA ARG C 89 5.95 5.02 -13.97
C ARG C 89 7.48 5.06 -13.85
N VAL C 90 8.10 6.12 -14.38
CA VAL C 90 9.55 6.24 -14.31
C VAL C 90 10.03 6.30 -12.87
N LEU C 91 9.29 7.03 -12.03
CA LEU C 91 9.68 7.14 -10.62
C LEU C 91 9.56 5.78 -9.94
N ASN C 92 8.62 4.95 -10.39
CA ASN C 92 8.49 3.62 -9.79
C ASN C 92 9.73 2.80 -10.16
N LEU C 93 10.23 2.98 -11.37
CA LEU C 93 11.42 2.24 -11.80
C LEU C 93 12.64 2.75 -11.04
N CYS C 94 12.67 4.05 -10.73
CA CYS C 94 13.79 4.61 -9.98
C CYS C 94 13.85 3.87 -8.65
N ASP C 95 12.69 3.67 -8.05
CA ASP C 95 12.58 2.98 -6.78
C ASP C 95 13.15 1.55 -6.89
N ASN C 96 12.73 0.83 -7.92
CA ASN C 96 13.18 -0.54 -8.13
C ASN C 96 14.70 -0.59 -8.39
N VAL C 97 15.20 0.37 -9.16
CA VAL C 97 16.63 0.45 -9.45
C VAL C 97 17.44 0.72 -8.20
N ALA C 98 16.93 1.60 -7.34
CA ALA C 98 17.62 1.92 -6.10
C ALA C 98 17.69 0.64 -5.26
N GLN C 99 16.59 -0.10 -5.25
CA GLN C 99 16.53 -1.35 -4.49
C GLN C 99 17.54 -2.36 -5.02
N LYS C 100 17.60 -2.50 -6.35
CA LYS C 100 18.52 -3.45 -6.95
C LYS C 100 20.00 -3.09 -6.70
N ARG C 101 20.31 -1.80 -6.74
CA ARG C 101 21.67 -1.36 -6.52
C ARG C 101 22.02 -1.34 -5.03
N GLY C 102 21.01 -1.48 -4.19
CA GLY C 102 21.25 -1.46 -2.76
C GLY C 102 21.45 -0.07 -2.21
N ASP C 103 20.81 0.93 -2.81
CA ASP C 103 20.94 2.31 -2.33
C ASP C 103 19.93 2.56 -1.22
N ASN C 104 20.31 3.34 -0.21
CA ASN C 104 19.42 3.66 0.90
C ASN C 104 18.30 4.57 0.42
N PHE C 105 18.65 5.52 -0.44
CA PHE C 105 17.69 6.48 -0.97
C PHE C 105 17.76 6.52 -2.49
N ILE C 106 16.72 7.09 -3.09
CA ILE C 106 16.63 7.22 -4.53
C ILE C 106 17.23 8.56 -4.94
N SER C 107 18.36 8.51 -5.64
CA SER C 107 19.03 9.73 -6.06
C SER C 107 18.71 10.12 -7.51
N SER C 108 19.07 11.36 -7.83
CA SER C 108 18.86 11.94 -9.15
C SER C 108 19.46 11.14 -10.30
N GLU C 109 20.65 10.58 -10.08
CA GLU C 109 21.35 9.80 -11.11
C GLU C 109 20.53 8.61 -11.58
N LEU C 110 19.76 8.01 -10.69
CA LEU C 110 18.94 6.85 -11.06
C LEU C 110 17.88 7.26 -12.07
N PHE C 111 17.37 8.48 -11.97
CA PHE C 111 16.35 8.94 -12.90
C PHE C 111 16.84 8.84 -14.34
N VAL C 112 18.11 9.18 -14.58
CA VAL C 112 18.64 9.12 -15.93
C VAL C 112 18.55 7.68 -16.44
N LEU C 113 18.98 6.73 -15.61
CA LEU C 113 18.93 5.34 -16.00
C LEU C 113 17.49 4.84 -16.22
N ALA C 114 16.61 5.14 -15.28
CA ALA C 114 15.22 4.72 -15.40
C ALA C 114 14.52 5.33 -16.63
N ALA C 115 14.80 6.59 -16.90
CA ALA C 115 14.20 7.28 -18.05
C ALA C 115 14.66 6.61 -19.34
N LEU C 116 15.94 6.25 -19.38
CA LEU C 116 16.50 5.62 -20.56
C LEU C 116 15.78 4.30 -20.87
N GLU C 117 15.33 3.62 -19.83
CA GLU C 117 14.65 2.34 -19.98
C GLU C 117 13.12 2.41 -19.96
N SER C 118 12.56 3.62 -20.02
CA SER C 118 11.09 3.77 -19.98
C SER C 118 10.42 4.18 -21.29
N ARG C 119 11.11 4.09 -22.41
CA ARG C 119 10.53 4.48 -23.69
C ARG C 119 9.99 5.90 -23.66
N GLY C 120 9.36 6.31 -24.75
CA GLY C 120 8.82 7.66 -24.81
C GLY C 120 9.84 8.65 -25.30
N THR C 121 9.44 9.91 -25.35
CA THR C 121 10.30 10.98 -25.82
C THR C 121 11.63 11.16 -25.12
N VAL C 122 11.64 11.19 -23.80
CA VAL C 122 12.88 11.37 -23.07
C VAL C 122 13.88 10.25 -23.36
N ALA C 123 13.39 9.01 -23.38
CA ALA C 123 14.27 7.88 -23.68
C ALA C 123 14.88 8.04 -25.08
N ASP C 124 14.06 8.50 -26.03
CA ASP C 124 14.54 8.69 -27.40
C ASP C 124 15.64 9.74 -27.44
N ILE C 125 15.41 10.86 -26.76
CA ILE C 125 16.39 11.93 -26.71
C ILE C 125 17.68 11.44 -26.08
N LEU C 126 17.58 10.73 -24.95
CA LEU C 126 18.77 10.23 -24.28
C LEU C 126 19.57 9.25 -25.17
N LYS C 127 18.86 8.37 -25.86
CA LYS C 127 19.51 7.40 -26.74
C LYS C 127 20.24 8.15 -27.85
N ALA C 128 19.55 9.11 -28.48
CA ALA C 128 20.15 9.88 -29.56
C ALA C 128 21.37 10.64 -29.06
N ALA C 129 21.31 11.08 -27.80
CA ALA C 129 22.41 11.83 -27.19
C ALA C 129 23.61 10.94 -26.85
N GLY C 130 23.45 9.63 -26.97
CA GLY C 130 24.55 8.72 -26.69
C GLY C 130 24.45 7.92 -25.40
N ALA C 131 23.38 8.13 -24.65
CA ALA C 131 23.20 7.40 -23.40
C ALA C 131 22.82 5.95 -23.63
N THR C 132 23.40 5.07 -22.82
CA THR C 132 23.12 3.64 -22.88
C THR C 132 23.06 3.12 -21.45
N THR C 133 22.38 2.01 -21.25
CA THR C 133 22.31 1.42 -19.93
C THR C 133 23.73 1.26 -19.41
N ALA C 134 24.64 0.90 -20.31
CA ALA C 134 26.04 0.71 -19.98
C ALA C 134 26.82 1.95 -19.52
N ASN C 135 26.84 3.02 -20.32
CA ASN C 135 27.61 4.17 -19.87
C ASN C 135 26.97 4.96 -18.73
N ILE C 136 25.65 4.85 -18.57
CA ILE C 136 24.98 5.54 -17.48
C ILE C 136 25.19 4.76 -16.19
N THR C 137 25.09 3.43 -16.27
CA THR C 137 25.29 2.61 -15.09
C THR C 137 26.72 2.78 -14.59
N GLN C 138 27.66 2.88 -15.53
CA GLN C 138 29.06 3.05 -15.18
C GLN C 138 29.28 4.38 -14.49
N ALA C 139 28.67 5.44 -15.03
CA ALA C 139 28.78 6.76 -14.45
C ALA C 139 28.18 6.75 -13.04
N ILE C 140 27.06 6.06 -12.88
CA ILE C 140 26.39 5.98 -11.58
C ILE C 140 27.30 5.30 -10.55
N GLU C 141 27.85 4.15 -10.90
CA GLU C 141 28.74 3.42 -10.00
C GLU C 141 29.96 4.26 -9.68
N GLN C 142 30.45 5.01 -10.67
CA GLN C 142 31.61 5.86 -10.47
C GLN C 142 31.26 7.04 -9.59
N UNK D 1 -13.23 -8.68 -2.36
CA UNK D 1 -11.90 -8.10 -2.46
C UNK D 1 -11.92 -6.59 -2.21
N UNK D 2 -11.20 -6.17 -1.18
CA UNK D 2 -11.14 -4.75 -0.82
C UNK D 2 -9.77 -4.16 -1.14
N UNK D 3 -8.73 -4.80 -0.60
CA UNK D 3 -7.36 -4.34 -0.83
C UNK D 3 -6.96 -3.27 0.18
N UNK D 4 -5.97 -3.57 1.01
CA UNK D 4 -5.50 -2.63 2.02
C UNK D 4 -4.52 -1.62 1.42
N UNK D 5 -3.24 -1.89 1.57
CA UNK D 5 -2.19 -1.01 1.04
C UNK D 5 -2.17 0.32 1.79
N UNK D 6 -3.01 1.25 1.35
CA UNK D 6 -3.11 2.57 1.97
C UNK D 6 -1.74 3.24 2.14
N UNK D 7 -0.96 3.25 1.06
CA UNK D 7 0.36 3.86 1.07
C UNK D 7 1.21 3.29 2.21
N UNK D 8 1.69 4.18 3.08
CA UNK D 8 2.52 3.79 4.21
C UNK D 8 2.53 4.85 5.30
N UNK D 9 2.51 6.11 4.88
CA UNK D 9 2.51 7.23 5.81
C UNK D 9 3.69 7.13 6.78
#